data_3D82
#
_entry.id   3D82
#
_cell.length_a   56.920
_cell.length_b   95.140
_cell.length_c   237.370
_cell.angle_alpha   90.000
_cell.angle_beta   90.000
_cell.angle_gamma   90.000
#
_symmetry.space_group_name_H-M   'C 2 2 21'
#
loop_
_entity.id
_entity.type
_entity.pdbx_description
1 polymer 'Cupin 2, conserved barrel domain protein'
2 non-polymer 'NICKEL (II) ION'
3 non-polymer 'UNKNOWN LIGAND'
4 non-polymer GLYCEROL
5 water water
#
_entity_poly.entity_id   1
_entity_poly.type   'polypeptide(L)'
_entity_poly.pdbx_seq_one_letter_code
;G(MSE)QTKVINFNDKFSLFNQHWSPRVIAE(MSE)NDYQFKLVKVEGEFVWHEHADTDEVFIV(MSE)EGTLQIAFRDQ
NITLQAGE(MSE)YVIPKGVEHKP(MSE)AKEECKI(MSE)IIEPR
;
_entity_poly.pdbx_strand_id   A,B,C,D,E
#
# COMPACT_ATOMS: atom_id res chain seq x y z
N GLY A 1 11.57 -2.41 -30.76
CA GLY A 1 13.00 -2.52 -31.21
C GLY A 1 13.89 -1.46 -30.58
N GLN A 3 15.85 0.88 -31.81
CA GLN A 3 15.72 2.25 -32.39
C GLN A 3 14.75 3.17 -31.59
N THR A 4 13.69 2.58 -31.00
CA THR A 4 12.74 3.30 -30.12
C THR A 4 13.45 3.81 -28.85
N LYS A 5 14.54 3.14 -28.43
CA LYS A 5 15.41 3.61 -27.34
C LYS A 5 16.49 4.63 -27.77
N VAL A 6 16.55 5.03 -29.06
CA VAL A 6 17.44 6.13 -29.52
C VAL A 6 16.80 7.45 -29.04
N ILE A 7 17.59 8.26 -28.35
CA ILE A 7 17.10 9.48 -27.72
C ILE A 7 17.62 10.70 -28.45
N ASN A 8 16.70 11.56 -28.92
CA ASN A 8 17.03 12.84 -29.55
C ASN A 8 16.77 13.93 -28.51
N PHE A 9 17.82 14.66 -28.10
CA PHE A 9 17.70 15.68 -27.04
C PHE A 9 16.69 16.77 -27.40
N ASN A 10 16.81 17.33 -28.62
CA ASN A 10 15.89 18.38 -29.10
C ASN A 10 14.42 17.93 -29.03
N ASP A 11 14.14 16.70 -29.47
CA ASP A 11 12.78 16.13 -29.43
C ASP A 11 12.27 15.94 -27.99
N LYS A 12 13.15 15.49 -27.08
CA LYS A 12 12.77 15.31 -25.67
C LYS A 12 12.47 16.63 -24.98
N PHE A 13 13.26 17.67 -25.28
CA PHE A 13 13.05 19.03 -24.75
C PHE A 13 11.74 19.65 -25.22
N SER A 14 11.33 19.37 -26.47
CA SER A 14 10.06 19.88 -27.01
C SER A 14 8.83 19.33 -26.27
N LEU A 15 8.93 18.15 -25.67
CA LEU A 15 7.83 17.52 -24.92
C LEU A 15 7.51 18.16 -23.56
N PHE A 16 8.31 19.10 -23.07
CA PHE A 16 8.03 19.73 -21.77
C PHE A 16 8.36 21.20 -21.72
N ASN A 17 7.67 21.82 -20.77
CA ASN A 17 7.58 23.22 -20.54
C ASN A 17 8.10 23.67 -19.15
N GLN A 18 7.93 22.83 -18.14
CA GLN A 18 8.38 23.13 -16.77
C GLN A 18 9.88 23.30 -16.57
N HIS A 19 10.21 24.21 -15.65
CA HIS A 19 11.56 24.49 -15.25
C HIS A 19 11.86 23.73 -13.96
N TRP A 20 13.15 23.48 -13.73
CA TRP A 20 13.65 22.84 -12.50
C TRP A 20 12.97 21.50 -12.16
N SER A 21 12.60 20.74 -13.20
CA SER A 21 11.88 19.49 -13.07
C SER A 21 12.57 18.49 -13.99
N PRO A 22 13.67 17.87 -13.51
CA PRO A 22 14.43 16.93 -14.32
C PRO A 22 13.58 15.77 -14.82
N ARG A 23 13.78 15.43 -16.10
CA ARG A 23 13.10 14.33 -16.76
C ARG A 23 14.14 13.30 -17.17
N VAL A 24 14.02 12.10 -16.58
CA VAL A 24 14.93 11.00 -16.86
C VAL A 24 14.67 10.55 -18.29
N ILE A 25 15.71 10.63 -19.13
CA ILE A 25 15.67 10.19 -20.54
C ILE A 25 16.45 8.90 -20.78
N ALA A 26 17.33 8.50 -19.84
CA ALA A 26 18.14 7.30 -20.05
C ALA A 26 18.80 6.84 -18.75
N GLU A 27 19.14 5.55 -18.72
CA GLU A 27 19.81 4.91 -17.60
C GLU A 27 21.03 4.12 -18.07
N ASN A 29 23.71 1.68 -16.21
CA ASN A 29 23.97 0.96 -14.96
C ASN A 29 23.04 1.59 -13.90
N ASP A 30 23.59 2.13 -12.80
CA ASP A 30 22.81 2.74 -11.71
C ASP A 30 22.81 4.29 -11.73
N TYR A 31 23.03 4.86 -12.93
CA TYR A 31 23.05 6.30 -13.17
C TYR A 31 21.91 6.70 -14.10
N GLN A 32 21.47 7.95 -13.96
CA GLN A 32 20.41 8.52 -14.76
C GLN A 32 20.89 9.75 -15.52
N PHE A 33 20.39 9.92 -16.74
CA PHE A 33 20.62 11.09 -17.61
C PHE A 33 19.29 11.82 -17.55
N LYS A 34 19.31 13.09 -17.14
CA LYS A 34 18.11 13.88 -16.88
C LYS A 34 18.17 15.22 -17.60
N LEU A 35 17.18 15.52 -18.44
CA LEU A 35 17.11 16.81 -19.11
C LEU A 35 16.34 17.80 -18.24
N VAL A 36 16.81 19.04 -18.20
CA VAL A 36 16.16 20.10 -17.42
C VAL A 36 16.20 21.43 -18.18
N LYS A 37 15.12 22.20 -18.03
CA LYS A 37 15.06 23.58 -18.53
C LYS A 37 15.19 24.40 -17.26
N VAL A 38 16.12 25.35 -17.22
CA VAL A 38 16.34 26.19 -16.02
C VAL A 38 16.41 27.69 -16.36
N GLU A 39 15.91 28.51 -15.43
CA GLU A 39 15.92 29.97 -15.56
C GLU A 39 15.74 30.59 -14.17
N GLY A 40 16.49 31.65 -13.89
CA GLY A 40 16.50 32.27 -12.57
C GLY A 40 17.48 31.52 -11.70
N GLU A 41 17.41 31.77 -10.39
CA GLU A 41 18.30 31.15 -9.42
C GLU A 41 17.67 29.94 -8.79
N PHE A 42 18.52 28.94 -8.53
CA PHE A 42 18.14 27.76 -7.76
C PHE A 42 18.51 28.14 -6.29
N VAL A 43 18.69 27.14 -5.43
CA VAL A 43 19.07 27.32 -4.04
C VAL A 43 20.44 26.68 -3.81
N TRP A 44 21.11 27.11 -2.74
CA TRP A 44 22.38 26.51 -2.31
C TRP A 44 22.13 25.08 -1.81
N HIS A 45 22.90 24.13 -2.32
CA HIS A 45 22.76 22.72 -1.89
C HIS A 45 24.04 21.93 -2.24
N GLU A 46 24.09 20.67 -1.83
CA GLU A 46 25.21 19.78 -2.13
C GLU A 46 24.70 18.35 -2.35
N HIS A 47 25.59 17.50 -2.87
CA HIS A 47 25.37 16.05 -2.98
C HIS A 47 26.55 15.47 -2.22
N ALA A 48 26.31 15.08 -0.99
CA ALA A 48 27.36 14.58 -0.11
C ALA A 48 28.08 13.33 -0.60
N ASP A 49 27.37 12.45 -1.29
CA ASP A 49 27.92 11.13 -1.67
C ASP A 49 28.21 10.90 -3.15
N THR A 50 28.06 11.91 -3.99
CA THR A 50 28.33 11.74 -5.43
C THR A 50 28.75 13.01 -6.16
N ASP A 51 29.61 12.81 -7.18
CA ASP A 51 29.93 13.88 -8.12
C ASP A 51 28.67 14.05 -8.96
N GLU A 52 28.47 15.26 -9.48
CA GLU A 52 27.33 15.57 -10.36
C GLU A 52 27.88 16.29 -11.61
N VAL A 53 27.52 15.78 -12.79
CA VAL A 53 27.94 16.37 -14.06
C VAL A 53 26.83 17.26 -14.63
N PHE A 54 27.21 18.46 -15.10
CA PHE A 54 26.32 19.39 -15.81
C PHE A 54 26.84 19.54 -17.23
N ILE A 55 25.94 19.41 -18.22
CA ILE A 55 26.24 19.64 -19.64
C ILE A 55 25.22 20.64 -20.14
N VAL A 56 25.68 21.79 -20.65
CA VAL A 56 24.77 22.82 -21.18
C VAL A 56 24.53 22.50 -22.65
N GLU A 58 21.88 24.42 -24.51
CA GLU A 58 21.59 25.75 -25.07
C GLU A 58 21.61 26.80 -23.96
N GLY A 59 22.06 28.02 -24.29
CA GLY A 59 22.11 29.12 -23.34
C GLY A 59 23.38 29.16 -22.51
N THR A 60 23.33 29.95 -21.43
CA THR A 60 24.46 30.17 -20.53
C THR A 60 24.05 29.84 -19.11
N LEU A 61 24.79 28.92 -18.49
CA LEU A 61 24.56 28.54 -17.09
C LEU A 61 25.72 29.08 -16.28
N GLN A 62 25.38 29.57 -15.09
CA GLN A 62 26.37 29.90 -14.08
C GLN A 62 26.10 29.00 -12.87
N ILE A 63 27.17 28.62 -12.17
CA ILE A 63 27.07 27.84 -10.94
C ILE A 63 27.92 28.59 -9.95
N ALA A 64 27.29 29.04 -8.86
CA ALA A 64 27.97 29.76 -7.83
C ALA A 64 28.47 28.78 -6.78
N PHE A 65 29.70 29.00 -6.34
CA PHE A 65 30.30 28.26 -5.23
C PHE A 65 30.60 29.32 -4.19
N ARG A 66 31.08 28.90 -3.02
CA ARG A 66 31.32 29.85 -1.95
C ARG A 66 32.41 30.86 -2.19
N ASP A 67 33.49 30.47 -2.88
CA ASP A 67 34.63 31.38 -3.14
C ASP A 67 34.85 31.74 -4.60
N GLN A 68 34.03 31.19 -5.50
CA GLN A 68 34.18 31.38 -6.93
C GLN A 68 32.92 30.96 -7.68
N ASN A 69 32.86 31.33 -8.96
CA ASN A 69 31.79 30.92 -9.88
C ASN A 69 32.40 30.30 -11.11
N ILE A 70 31.59 29.53 -11.83
CA ILE A 70 31.98 29.02 -13.14
C ILE A 70 30.84 29.39 -14.09
N THR A 71 31.19 29.57 -15.36
CA THR A 71 30.24 29.92 -16.42
C THR A 71 30.36 28.83 -17.48
N LEU A 72 29.21 28.27 -17.88
CA LEU A 72 29.13 27.20 -18.88
C LEU A 72 28.25 27.65 -20.04
N GLN A 73 28.82 27.66 -21.25
CA GLN A 73 28.11 27.96 -22.47
C GLN A 73 27.61 26.65 -23.08
N ALA A 74 26.79 26.75 -24.11
CA ALA A 74 26.31 25.59 -24.86
C ALA A 74 27.51 24.80 -25.38
N GLY A 75 27.47 23.48 -25.24
CA GLY A 75 28.58 22.62 -25.63
C GLY A 75 29.74 22.63 -24.65
N GLU A 76 29.46 22.86 -23.36
CA GLU A 76 30.48 22.82 -22.31
C GLU A 76 29.94 22.01 -21.11
N TYR A 78 30.98 20.38 -16.86
CA TYR A 78 31.71 20.50 -15.61
C TYR A 78 31.25 19.43 -14.63
N VAL A 79 32.20 18.91 -13.84
CA VAL A 79 31.93 17.91 -12.81
C VAL A 79 32.04 18.60 -11.45
N ILE A 80 30.92 18.69 -10.74
CA ILE A 80 30.88 19.22 -9.36
C ILE A 80 31.30 18.08 -8.44
N PRO A 81 32.45 18.21 -7.74
CA PRO A 81 32.82 17.12 -6.85
C PRO A 81 31.85 16.90 -5.69
N LYS A 82 31.82 15.67 -5.17
CA LYS A 82 30.95 15.34 -4.06
C LYS A 82 31.24 16.24 -2.87
N GLY A 83 30.17 16.60 -2.16
CA GLY A 83 30.25 17.43 -0.97
C GLY A 83 30.46 18.91 -1.18
N VAL A 84 30.58 19.37 -2.44
CA VAL A 84 30.81 20.78 -2.73
C VAL A 84 29.45 21.51 -2.85
N GLU A 85 29.26 22.51 -1.98
CA GLU A 85 28.06 23.32 -1.96
C GLU A 85 28.03 24.19 -3.20
N HIS A 86 26.85 24.33 -3.81
CA HIS A 86 26.71 25.13 -5.03
C HIS A 86 25.27 25.59 -5.31
N LYS A 87 25.15 26.61 -6.18
CA LYS A 87 23.86 27.19 -6.57
C LYS A 87 23.84 27.52 -8.07
N PRO A 88 23.23 26.62 -8.90
CA PRO A 88 23.06 26.93 -10.32
C PRO A 88 22.13 28.15 -10.56
N ALA A 90 20.63 30.78 -14.10
CA ALA A 90 20.53 31.08 -15.53
C ALA A 90 19.79 32.42 -15.71
N LYS A 91 20.50 33.45 -16.22
CA LYS A 91 19.86 34.77 -16.48
C LYS A 91 18.75 34.63 -17.52
N GLU A 92 18.97 33.74 -18.50
CA GLU A 92 18.02 33.43 -19.56
C GLU A 92 17.72 31.93 -19.52
N GLU A 93 16.68 31.53 -20.27
CA GLU A 93 16.28 30.12 -20.49
C GLU A 93 17.52 29.30 -20.85
N CYS A 94 17.74 28.21 -20.13
CA CYS A 94 18.89 27.36 -20.36
C CYS A 94 18.46 25.89 -20.39
N LYS A 95 18.95 25.14 -21.38
CA LYS A 95 18.65 23.71 -21.56
C LYS A 95 19.88 22.95 -21.16
N ILE A 96 19.74 22.10 -20.15
CA ILE A 96 20.85 21.32 -19.62
C ILE A 96 20.54 19.84 -19.48
N ILE A 98 21.76 16.70 -16.77
CA ILE A 98 22.41 16.29 -15.52
C ILE A 98 22.61 14.76 -15.55
N ILE A 99 23.79 14.32 -15.11
CA ILE A 99 24.15 12.89 -15.05
C ILE A 99 24.60 12.66 -13.61
N GLU A 100 23.98 11.70 -12.95
CA GLU A 100 24.26 11.35 -11.56
C GLU A 100 23.63 9.99 -11.20
N PRO A 101 24.06 9.37 -10.07
CA PRO A 101 23.46 8.12 -9.65
C PRO A 101 21.97 8.25 -9.37
N ARG A 102 21.26 7.15 -9.60
CA ARG A 102 19.86 7.05 -9.23
C ARG A 102 19.84 6.90 -7.72
N GLN B 3 19.67 -0.67 5.48
CA GLN B 3 20.46 -0.93 6.70
C GLN B 3 19.48 -1.20 7.84
N THR B 4 19.45 -2.45 8.32
CA THR B 4 18.52 -2.93 9.35
C THR B 4 18.76 -2.36 10.76
N LYS B 5 18.19 -1.19 11.09
CA LYS B 5 18.40 -0.59 12.43
C LYS B 5 17.32 0.44 12.83
N VAL B 6 17.26 0.76 14.12
CA VAL B 6 16.37 1.80 14.67
C VAL B 6 16.85 3.15 14.17
N ILE B 7 15.96 3.91 13.53
CA ILE B 7 16.27 5.23 12.97
C ILE B 7 15.64 6.31 13.84
N ASN B 8 16.48 7.16 14.42
CA ASN B 8 16.04 8.28 15.26
C ASN B 8 16.16 9.53 14.38
N PHE B 9 15.04 10.19 14.14
CA PHE B 9 14.99 11.35 13.23
C PHE B 9 15.89 12.49 13.68
N ASN B 10 15.82 12.86 14.95
CA ASN B 10 16.69 13.94 15.48
C ASN B 10 18.18 13.65 15.34
N ASP B 11 18.59 12.41 15.61
CA ASP B 11 19.99 12.01 15.44
C ASP B 11 20.42 12.15 13.98
N LYS B 12 19.57 11.71 13.05
CA LYS B 12 19.88 11.81 11.62
C LYS B 12 19.94 13.26 11.13
N PHE B 13 18.99 14.08 11.55
CA PHE B 13 19.02 15.53 11.25
C PHE B 13 20.31 16.20 11.71
N SER B 14 20.80 15.77 12.88
CA SER B 14 22.00 16.36 13.45
C SER B 14 23.26 16.17 12.59
N LEU B 15 23.27 15.12 11.76
CA LEU B 15 24.42 14.77 10.93
C LEU B 15 24.66 15.66 9.71
N PHE B 16 23.72 16.57 9.38
CA PHE B 16 23.92 17.51 8.27
C PHE B 16 23.31 18.87 8.57
N ASN B 17 24.00 19.93 8.14
CA ASN B 17 23.53 21.30 8.25
C ASN B 17 23.16 21.95 6.92
N GLN B 18 23.64 21.38 5.81
CA GLN B 18 23.36 21.96 4.49
C GLN B 18 21.87 21.88 4.18
N HIS B 19 21.34 22.97 3.62
CA HIS B 19 19.95 23.06 3.24
C HIS B 19 19.66 22.49 1.85
N TRP B 20 18.38 22.16 1.62
CA TRP B 20 17.87 21.68 0.33
C TRP B 20 18.66 20.52 -0.26
N SER B 21 19.22 19.68 0.62
CA SER B 21 20.10 18.58 0.26
C SER B 21 19.55 17.34 0.99
N PRO B 22 18.57 16.63 0.39
CA PRO B 22 17.98 15.48 1.08
C PRO B 22 18.95 14.35 1.39
N ARG B 23 18.78 13.74 2.55
CA ARG B 23 19.56 12.58 2.96
C ARG B 23 18.67 11.38 3.14
N VAL B 24 18.98 10.30 2.42
CA VAL B 24 18.21 9.05 2.51
C VAL B 24 18.49 8.39 3.87
N ILE B 25 17.43 8.17 4.66
CA ILE B 25 17.58 7.50 5.98
C ILE B 25 17.00 6.08 6.02
N ALA B 26 16.16 5.72 5.03
CA ALA B 26 15.52 4.41 5.00
C ALA B 26 14.95 4.10 3.63
N GLU B 27 14.79 2.81 3.38
CA GLU B 27 14.15 2.29 2.17
C GLU B 27 13.07 1.30 2.53
N ASN B 29 10.66 -1.14 0.19
CA ASN B 29 10.47 -1.62 -1.18
C ASN B 29 11.30 -0.69 -2.12
N ASP B 30 10.67 -0.07 -3.12
CA ASP B 30 11.37 0.84 -4.05
C ASP B 30 11.16 2.33 -3.72
N TYR B 31 10.90 2.63 -2.44
CA TYR B 31 10.68 3.99 -1.92
C TYR B 31 11.79 4.35 -0.95
N GLN B 32 12.03 5.66 -0.87
CA GLN B 32 13.03 6.25 0.00
C GLN B 32 12.41 7.27 0.93
N PHE B 33 12.88 7.27 2.17
CA PHE B 33 12.53 8.25 3.20
C PHE B 33 13.75 9.13 3.28
N LYS B 34 13.51 10.44 3.12
CA LYS B 34 14.62 11.40 3.06
C LYS B 34 14.39 12.55 4.02
N LEU B 35 15.42 12.94 4.77
CA LEU B 35 15.36 14.08 5.67
C LEU B 35 15.98 15.29 4.99
N VAL B 36 15.35 16.46 5.16
CA VAL B 36 15.83 17.71 4.58
C VAL B 36 15.67 18.86 5.59
N LYS B 37 16.61 19.82 5.52
CA LYS B 37 16.54 21.07 6.27
C LYS B 37 16.39 22.13 5.18
N VAL B 38 15.40 23.00 5.33
CA VAL B 38 15.09 24.01 4.31
C VAL B 38 14.90 25.39 4.93
N GLU B 39 15.29 26.42 4.19
CA GLU B 39 15.13 27.82 4.62
C GLU B 39 15.11 28.70 3.37
N GLY B 40 14.20 29.66 3.33
CA GLY B 40 14.03 30.52 2.17
C GLY B 40 13.09 29.84 1.18
N GLU B 41 13.07 30.35 -0.05
CA GLU B 41 12.20 29.84 -1.11
C GLU B 41 12.93 28.88 -2.01
N PHE B 42 12.20 27.85 -2.45
CA PHE B 42 12.69 26.89 -3.43
C PHE B 42 12.23 27.47 -4.78
N VAL B 43 12.19 26.64 -5.82
CA VAL B 43 11.70 26.99 -7.14
C VAL B 43 10.40 26.25 -7.43
N TRP B 44 9.61 26.81 -8.35
CA TRP B 44 8.39 26.17 -8.82
C TRP B 44 8.81 24.96 -9.65
N HIS B 45 8.19 23.83 -9.38
CA HIS B 45 8.51 22.59 -10.08
C HIS B 45 7.41 21.56 -9.84
N GLU B 46 7.53 20.43 -10.52
CA GLU B 46 6.58 19.31 -10.41
C GLU B 46 7.28 17.97 -10.46
N HIS B 47 6.54 16.93 -10.08
CA HIS B 47 6.96 15.53 -10.22
C HIS B 47 5.88 14.93 -11.09
N ALA B 48 6.15 14.86 -12.40
CA ALA B 48 5.17 14.37 -13.38
C ALA B 48 4.69 12.94 -13.17
N ASP B 49 5.53 12.06 -12.62
CA ASP B 49 5.19 10.62 -12.50
C ASP B 49 4.90 10.08 -11.10
N THR B 50 4.93 10.92 -10.06
CA THR B 50 4.66 10.42 -8.72
C THR B 50 4.06 11.43 -7.75
N ASP B 51 3.23 10.91 -6.84
CA ASP B 51 2.78 11.68 -5.68
C ASP B 51 4.01 11.89 -4.80
N GLU B 52 4.03 12.96 -4.02
CA GLU B 52 5.15 13.28 -3.13
C GLU B 52 4.60 13.69 -1.78
N VAL B 53 5.16 13.12 -0.70
CA VAL B 53 4.70 13.40 0.66
C VAL B 53 5.71 14.29 1.37
N PHE B 54 5.19 15.31 2.06
CA PHE B 54 5.97 16.19 2.96
C PHE B 54 5.43 15.92 4.36
N ILE B 55 6.33 15.67 5.32
CA ILE B 55 5.96 15.56 6.74
C ILE B 55 6.86 16.59 7.43
N VAL B 56 6.26 17.56 8.13
CA VAL B 56 7.05 18.56 8.86
C VAL B 56 7.35 17.98 10.26
N GLU B 58 9.87 19.68 12.37
CA GLU B 58 10.09 20.87 13.20
C GLU B 58 10.01 22.14 12.36
N GLY B 59 9.40 23.19 12.94
CA GLY B 59 9.27 24.48 12.28
C GLY B 59 7.99 24.57 11.47
N THR B 60 7.98 25.51 10.52
CA THR B 60 6.82 25.80 9.68
C THR B 60 7.23 25.85 8.23
N LEU B 61 6.52 25.09 7.39
CA LEU B 61 6.75 25.06 5.96
C LEU B 61 5.52 25.65 5.26
N GLN B 62 5.76 26.42 4.20
CA GLN B 62 4.72 26.91 3.31
C GLN B 62 4.90 26.20 1.98
N ILE B 63 3.80 25.84 1.31
CA ILE B 63 3.86 25.29 -0.04
C ILE B 63 2.90 26.12 -0.88
N ALA B 64 3.46 26.87 -1.81
CA ALA B 64 2.69 27.67 -2.73
C ALA B 64 2.25 26.79 -3.91
N PHE B 65 0.96 26.85 -4.25
CA PHE B 65 0.39 26.23 -5.44
C PHE B 65 -0.18 27.40 -6.25
N ARG B 66 -0.52 27.14 -7.50
CA ARG B 66 -1.03 28.21 -8.36
C ARG B 66 -2.49 28.63 -8.08
N ASP B 67 -3.23 27.79 -7.32
CA ASP B 67 -4.62 28.08 -6.90
C ASP B 67 -4.82 28.33 -5.39
N GLN B 68 -3.80 28.04 -4.57
CA GLN B 68 -3.85 28.25 -3.12
C GLN B 68 -2.45 28.14 -2.50
N ASN B 69 -2.35 28.50 -1.23
CA ASN B 69 -1.12 28.33 -0.43
C ASN B 69 -1.51 27.58 0.83
N ILE B 70 -0.73 26.57 1.20
CA ILE B 70 -0.93 25.83 2.44
C ILE B 70 0.30 26.05 3.33
N THR B 71 0.09 25.87 4.63
CA THR B 71 1.12 25.97 5.65
C THR B 71 1.04 24.67 6.46
N LEU B 72 2.19 24.00 6.62
CA LEU B 72 2.33 22.80 7.43
C LEU B 72 3.17 23.13 8.66
N GLN B 73 2.71 22.68 9.83
CA GLN B 73 3.40 22.84 11.10
C GLN B 73 3.95 21.47 11.48
N ALA B 74 4.73 21.43 12.57
CA ALA B 74 5.28 20.17 13.11
C ALA B 74 4.13 19.21 13.39
N GLY B 75 4.34 17.94 13.06
CA GLY B 75 3.30 16.92 13.24
C GLY B 75 2.17 17.02 12.22
N GLU B 76 2.50 17.50 11.02
CA GLU B 76 1.55 17.60 9.93
C GLU B 76 2.19 17.14 8.65
N TYR B 78 1.26 16.45 4.10
CA TYR B 78 0.51 16.74 2.87
C TYR B 78 1.07 15.90 1.73
N VAL B 79 0.17 15.41 0.89
CA VAL B 79 0.52 14.63 -0.30
C VAL B 79 0.39 15.56 -1.51
N ILE B 80 1.51 15.83 -2.19
CA ILE B 80 1.49 16.66 -3.41
C ILE B 80 1.11 15.68 -4.54
N PRO B 81 -0.06 15.83 -5.18
CA PRO B 81 -0.39 14.91 -6.27
C PRO B 81 0.56 15.01 -7.48
N LYS B 82 0.71 13.91 -8.21
CA LYS B 82 1.61 13.89 -9.36
C LYS B 82 1.24 14.94 -10.38
N GLY B 83 2.24 15.70 -10.83
CA GLY B 83 2.04 16.74 -11.81
C GLY B 83 1.53 18.09 -11.31
N VAL B 84 1.27 18.22 -10.01
CA VAL B 84 0.81 19.49 -9.44
C VAL B 84 2.04 20.34 -9.14
N GLU B 85 2.15 21.46 -9.85
CA GLU B 85 3.26 22.41 -9.71
C GLU B 85 3.21 23.02 -8.29
N HIS B 86 4.37 23.16 -7.66
CA HIS B 86 4.45 23.67 -6.29
C HIS B 86 5.81 24.27 -5.95
N LYS B 87 5.82 25.10 -4.90
CA LYS B 87 7.03 25.78 -4.45
C LYS B 87 7.08 25.80 -2.91
N PRO B 88 7.84 24.87 -2.29
CA PRO B 88 8.04 24.93 -0.85
C PRO B 88 8.82 26.18 -0.42
N ALA B 90 10.26 28.29 3.51
CA ALA B 90 10.40 28.34 4.98
C ALA B 90 11.01 29.68 5.41
N LYS B 91 10.30 30.46 6.24
CA LYS B 91 10.83 31.75 6.76
C LYS B 91 12.09 31.53 7.60
N GLU B 92 12.02 30.52 8.47
CA GLU B 92 13.14 30.08 9.32
C GLU B 92 13.44 28.61 9.00
N GLU B 93 14.52 28.07 9.56
CA GLU B 93 14.93 26.69 9.27
C GLU B 93 13.81 25.71 9.63
N CYS B 94 13.49 24.82 8.68
CA CYS B 94 12.43 23.85 8.84
C CYS B 94 12.94 22.42 8.55
N LYS B 95 12.63 21.49 9.43
CA LYS B 95 13.07 20.09 9.35
C LYS B 95 11.91 19.29 8.81
N ILE B 96 12.12 18.67 7.65
CA ILE B 96 11.07 17.92 6.95
C ILE B 96 11.54 16.53 6.55
N ILE B 98 10.66 13.74 3.42
CA ILE B 98 10.05 13.47 2.12
C ILE B 98 10.07 11.96 1.88
N ILE B 99 9.00 11.45 1.29
CA ILE B 99 8.85 10.04 0.96
C ILE B 99 8.43 10.02 -0.52
N GLU B 100 9.19 9.31 -1.33
CA GLU B 100 8.91 9.19 -2.75
C GLU B 100 9.66 7.98 -3.33
N PRO B 101 9.28 7.54 -4.56
CA PRO B 101 10.02 6.44 -5.16
C PRO B 101 11.48 6.77 -5.44
N ARG B 102 12.31 5.71 -5.51
CA ARG B 102 13.73 5.85 -5.84
CA ARG B 102 13.74 5.78 -5.86
C ARG B 102 13.80 6.18 -7.35
N GLN C 3 -8.28 11.83 -1.86
CA GLN C 3 -8.13 13.29 -1.92
C GLN C 3 -8.09 13.90 -0.50
N THR C 4 -6.87 14.12 0.02
CA THR C 4 -6.63 14.70 1.37
C THR C 4 -6.26 16.21 1.27
N LYS C 5 -6.16 16.85 2.44
CA LYS C 5 -5.76 18.29 2.57
C LYS C 5 -4.61 18.31 3.60
N VAL C 6 -4.55 19.30 4.51
CA VAL C 6 -3.50 19.29 5.55
C VAL C 6 -3.91 18.28 6.62
N ILE C 7 -3.03 17.32 6.88
CA ILE C 7 -3.29 16.24 7.82
C ILE C 7 -2.45 16.50 9.07
N ASN C 8 -3.12 16.73 10.19
CA ASN C 8 -2.51 16.94 11.49
C ASN C 8 -2.65 15.62 12.23
N PHE C 9 -1.53 15.01 12.61
CA PHE C 9 -1.53 13.69 13.26
C PHE C 9 -2.32 13.69 14.57
N ASN C 10 -2.05 14.68 15.41
CA ASN C 10 -2.74 14.82 16.70
C ASN C 10 -4.27 14.91 16.56
N ASP C 11 -4.74 15.71 15.60
CA ASP C 11 -6.17 15.86 15.34
CA ASP C 11 -6.17 15.86 15.30
C ASP C 11 -6.74 14.50 14.87
N LYS C 12 -6.02 13.79 14.00
CA LYS C 12 -6.49 12.47 13.53
C LYS C 12 -6.56 11.44 14.65
N PHE C 13 -5.55 11.39 15.52
CA PHE C 13 -5.56 10.48 16.67
C PHE C 13 -6.72 10.75 17.63
N SER C 14 -7.15 12.01 17.73
CA SER C 14 -8.26 12.38 18.64
C SER C 14 -9.63 11.86 18.21
N LEU C 15 -9.77 11.52 16.92
CA LEU C 15 -11.03 11.00 16.36
C LEU C 15 -11.38 9.56 16.74
N PHE C 16 -10.42 8.79 17.27
CA PHE C 16 -10.68 7.40 17.66
C PHE C 16 -9.91 6.96 18.92
N ASN C 17 -10.55 6.11 19.72
CA ASN C 17 -9.94 5.47 20.90
C ASN C 17 -9.74 3.97 20.74
N GLN C 18 -10.33 3.38 19.71
CA GLN C 18 -10.18 1.96 19.41
C GLN C 18 -8.72 1.60 19.10
N HIS C 19 -8.28 0.45 19.64
CA HIS C 19 -6.93 -0.07 19.41
C HIS C 19 -6.85 -1.13 18.31
N TRP C 20 -5.62 -1.33 17.80
CA TRP C 20 -5.31 -2.32 16.76
C TRP C 20 -6.16 -2.26 15.50
N SER C 21 -6.70 -1.08 15.20
CA SER C 21 -7.64 -0.88 14.13
C SER C 21 -7.14 0.32 13.32
N PRO C 22 -6.25 0.06 12.33
CA PRO C 22 -5.65 1.17 11.59
C PRO C 22 -6.63 2.08 10.83
N ARG C 23 -6.41 3.39 10.94
CA ARG C 23 -7.21 4.39 10.23
CA ARG C 23 -7.20 4.43 10.24
C ARG C 23 -6.34 4.95 9.08
N VAL C 24 -6.80 4.78 7.83
CA VAL C 24 -6.07 5.31 6.66
C VAL C 24 -6.23 6.84 6.66
N ILE C 25 -5.13 7.57 6.73
CA ILE C 25 -5.18 9.06 6.71
C ILE C 25 -4.70 9.70 5.41
N ALA C 26 -3.90 8.98 4.62
CA ALA C 26 -3.40 9.48 3.34
C ALA C 26 -3.04 8.35 2.42
N GLU C 27 -2.95 8.71 1.15
CA GLU C 27 -2.53 7.81 0.09
C GLU C 27 -1.47 8.48 -0.79
N ASN C 29 0.53 7.39 -4.23
CA ASN C 29 0.51 6.39 -5.31
C ASN C 29 -0.36 5.21 -4.81
N ASP C 30 0.17 3.99 -4.73
CA ASP C 30 -0.58 2.80 -4.27
C ASP C 30 -0.22 2.41 -2.81
N TYR C 31 0.23 3.38 -2.02
CA TYR C 31 0.60 3.20 -0.63
C TYR C 31 -0.38 3.95 0.25
N GLN C 32 -0.49 3.47 1.49
CA GLN C 32 -1.37 4.02 2.48
C GLN C 32 -0.61 4.36 3.74
N PHE C 33 -0.96 5.50 4.34
CA PHE C 33 -0.45 5.97 5.65
C PHE C 33 -1.58 5.69 6.63
N LYS C 34 -1.29 4.93 7.69
CA LYS C 34 -2.34 4.49 8.65
C LYS C 34 -1.93 4.78 10.06
N LEU C 35 -2.85 5.39 10.82
CA LEU C 35 -2.61 5.68 12.23
C LEU C 35 -3.25 4.55 13.06
N VAL C 36 -2.55 4.14 14.10
CA VAL C 36 -3.02 3.09 14.99
C VAL C 36 -2.65 3.46 16.43
N LYS C 37 -3.53 3.04 17.35
CA LYS C 37 -3.31 3.14 18.79
C LYS C 37 -3.18 1.68 19.20
N VAL C 38 -2.11 1.33 19.89
CA VAL C 38 -1.90 -0.08 20.29
C VAL C 38 -1.55 -0.21 21.77
N GLU C 39 -1.85 -1.38 22.33
CA GLU C 39 -1.56 -1.68 23.74
C GLU C 39 -1.66 -3.19 23.95
N GLY C 40 -0.72 -3.74 24.71
CA GLY C 40 -0.63 -5.19 24.91
C GLY C 40 0.14 -5.78 23.74
N GLU C 41 0.09 -7.10 23.58
CA GLU C 41 0.84 -7.78 22.52
C GLU C 41 -0.03 -8.04 21.31
N PHE C 42 0.60 -8.01 20.13
CA PHE C 42 -0.07 -8.42 18.89
C PHE C 42 0.23 -9.95 18.80
N VAL C 43 0.28 -10.51 17.60
CA VAL C 43 0.59 -11.91 17.34
C VAL C 43 1.80 -11.99 16.42
N TRP C 44 2.48 -13.14 16.42
CA TRP C 44 3.61 -13.37 15.50
C TRP C 44 3.02 -13.51 14.08
N HIS C 45 3.54 -12.73 13.13
CA HIS C 45 3.09 -12.76 11.75
C HIS C 45 4.16 -12.16 10.82
N GLU C 46 3.93 -12.26 9.51
CA GLU C 46 4.81 -11.74 8.45
C GLU C 46 3.98 -11.13 7.30
N HIS C 47 4.65 -10.32 6.48
CA HIS C 47 4.09 -9.80 5.20
C HIS C 47 5.07 -10.34 4.18
N ALA C 48 4.69 -11.40 3.49
CA ALA C 48 5.60 -12.05 2.55
C ALA C 48 6.03 -11.20 1.35
N ASP C 49 5.15 -10.33 0.87
CA ASP C 49 5.43 -9.58 -0.36
C ASP C 49 5.81 -8.11 -0.23
N THR C 50 5.90 -7.59 0.99
CA THR C 50 6.26 -6.18 1.17
C THR C 50 6.95 -5.86 2.48
N ASP C 51 7.81 -4.84 2.41
CA ASP C 51 8.40 -4.22 3.57
C ASP C 51 7.27 -3.44 4.26
N GLU C 52 7.41 -3.24 5.56
CA GLU C 52 6.41 -2.51 6.37
C GLU C 52 7.15 -1.53 7.26
N VAL C 53 6.70 -0.27 7.31
CA VAL C 53 7.36 0.76 8.11
C VAL C 53 6.51 1.08 9.34
N PHE C 54 7.16 1.10 10.51
CA PHE C 54 6.57 1.59 11.77
C PHE C 54 7.24 2.92 12.14
N ILE C 55 6.44 3.92 12.47
CA ILE C 55 6.91 5.22 13.00
C ILE C 55 6.16 5.44 14.32
N VAL C 56 6.90 5.57 15.42
CA VAL C 56 6.26 5.86 16.72
C VAL C 56 6.07 7.38 16.84
N GLU C 58 3.90 8.71 19.55
CA GLU C 58 3.85 8.92 20.99
C GLU C 58 3.91 7.59 21.73
N GLY C 59 4.67 7.53 22.82
CA GLY C 59 4.83 6.33 23.64
C GLY C 59 6.06 5.51 23.26
N THR C 60 6.04 4.24 23.66
CA THR C 60 7.13 3.31 23.42
C THR C 60 6.60 1.98 22.88
N LEU C 61 7.10 1.59 21.71
CA LEU C 61 6.73 0.33 21.05
C LEU C 61 7.89 -0.64 21.12
N GLN C 62 7.58 -1.92 21.36
CA GLN C 62 8.56 -3.00 21.23
C GLN C 62 8.18 -3.84 20.02
N ILE C 63 9.17 -4.28 19.26
CA ILE C 63 8.93 -5.22 18.16
C ILE C 63 9.81 -6.43 18.44
N ALA C 64 9.15 -7.56 18.68
CA ALA C 64 9.82 -8.83 18.89
C ALA C 64 10.09 -9.48 17.53
N PHE C 65 11.31 -9.95 17.34
CA PHE C 65 11.73 -10.78 16.22
C PHE C 65 12.27 -12.06 16.85
N ARG C 66 12.44 -13.11 16.05
CA ARG C 66 12.89 -14.39 16.59
C ARG C 66 14.33 -14.38 17.16
N ASP C 67 15.14 -13.46 16.65
CA ASP C 67 16.53 -13.31 17.03
C ASP C 67 16.88 -12.06 17.84
N GLN C 68 15.97 -11.11 17.96
CA GLN C 68 16.23 -9.80 18.60
C GLN C 68 14.92 -9.13 19.02
N ASN C 69 14.93 -8.37 20.10
CA ASN C 69 13.80 -7.49 20.47
C ASN C 69 14.27 -6.07 20.21
N ILE C 70 13.43 -5.27 19.60
CA ILE C 70 13.74 -3.88 19.24
C ILE C 70 12.80 -2.99 20.03
N THR C 71 13.27 -1.81 20.46
CA THR C 71 12.45 -0.81 21.15
C THR C 71 12.49 0.47 20.32
N LEU C 72 11.31 1.05 20.05
CA LEU C 72 11.16 2.29 19.32
C LEU C 72 10.50 3.34 20.21
N GLN C 73 11.14 4.49 20.32
CA GLN C 73 10.59 5.63 21.04
C GLN C 73 9.93 6.58 20.04
N ALA C 74 9.23 7.58 20.57
CA ALA C 74 8.62 8.65 19.77
C ALA C 74 9.74 9.31 18.94
N GLY C 75 9.46 9.60 17.68
CA GLY C 75 10.47 10.15 16.77
C GLY C 75 11.49 9.11 16.26
N GLU C 76 11.10 7.83 16.27
CA GLU C 76 11.91 6.74 15.75
C GLU C 76 11.11 5.85 14.82
N TYR C 78 11.32 2.16 12.03
CA TYR C 78 11.96 0.88 11.69
C TYR C 78 11.27 0.28 10.48
N VAL C 79 12.05 -0.37 9.62
CA VAL C 79 11.50 -1.02 8.41
C VAL C 79 11.51 -2.51 8.65
N ILE C 80 10.34 -3.16 8.67
CA ILE C 80 10.29 -4.64 8.81
C ILE C 80 10.54 -5.19 7.41
N PRO C 81 11.69 -5.89 7.18
CA PRO C 81 11.90 -6.44 5.83
C PRO C 81 10.84 -7.48 5.47
N LYS C 82 10.54 -7.60 4.18
CA LYS C 82 9.51 -8.55 3.76
C LYS C 82 9.86 -9.97 4.18
N GLY C 83 8.85 -10.73 4.57
CA GLY C 83 9.03 -12.10 5.01
C GLY C 83 9.59 -12.27 6.40
N VAL C 84 9.89 -11.19 7.12
CA VAL C 84 10.47 -11.28 8.46
C VAL C 84 9.33 -11.34 9.49
N GLU C 85 9.31 -12.42 10.26
CA GLU C 85 8.31 -12.66 11.28
C GLU C 85 8.52 -11.69 12.45
N HIS C 86 7.44 -11.08 12.94
CA HIS C 86 7.50 -10.07 14.00
C HIS C 86 6.22 -9.99 14.82
N LYS C 87 6.34 -9.41 16.01
CA LYS C 87 5.25 -9.25 16.96
C LYS C 87 5.40 -7.91 17.69
N PRO C 88 4.68 -6.87 17.23
CA PRO C 88 4.68 -5.62 17.97
C PRO C 88 3.95 -5.74 19.30
N ALA C 90 3.15 -3.13 23.09
CA ALA C 90 3.25 -1.87 23.83
C ALA C 90 2.80 -2.09 25.26
N LYS C 91 3.65 -1.74 26.23
CA LYS C 91 3.31 -1.87 27.66
C LYS C 91 2.16 -0.94 28.01
N GLU C 92 2.18 0.27 27.47
CA GLU C 92 1.09 1.25 27.63
C GLU C 92 0.63 1.68 26.26
N GLU C 93 -0.44 2.47 26.18
CA GLU C 93 -0.94 2.90 24.88
C GLU C 93 0.17 3.60 24.10
N CYS C 94 0.35 3.17 22.85
CA CYS C 94 1.35 3.72 21.96
C CYS C 94 0.65 4.15 20.66
N LYS C 95 0.96 5.37 20.20
CA LYS C 95 0.41 5.93 18.96
C LYS C 95 1.48 5.74 17.88
N ILE C 96 1.10 5.01 16.82
CA ILE C 96 1.98 4.70 15.70
C ILE C 96 1.37 5.04 14.34
N ILE C 98 1.74 3.38 10.40
CA ILE C 98 2.22 2.31 9.53
C ILE C 98 2.10 2.80 8.09
N ILE C 99 3.13 2.52 7.31
CA ILE C 99 3.16 2.85 5.87
C ILE C 99 3.47 1.55 5.14
N GLU C 100 2.61 1.20 4.19
CA GLU C 100 2.75 -0.01 3.39
C GLU C 100 1.82 0.05 2.15
N PRO C 101 2.01 -0.86 1.17
CA PRO C 101 1.13 -0.83 0.00
C PRO C 101 -0.32 -1.16 0.31
N ARG C 102 -1.23 -0.62 -0.49
CA ARG C 102 -2.63 -1.00 -0.39
C ARG C 102 -2.74 -2.42 -0.97
N GLY D 1 -4.14 -23.27 -19.63
CA GLY D 1 -4.87 -22.04 -20.07
C GLY D 1 -5.68 -21.50 -18.92
N GLN D 3 -7.85 -23.24 -17.04
CA GLN D 3 -7.82 -24.22 -15.95
C GLN D 3 -6.74 -23.83 -14.89
N THR D 4 -5.64 -23.19 -15.34
CA THR D 4 -4.58 -22.70 -14.45
C THR D 4 -5.11 -21.70 -13.40
N LYS D 5 -6.24 -21.01 -13.69
CA LYS D 5 -6.90 -20.11 -12.73
C LYS D 5 -7.85 -20.81 -11.73
N VAL D 6 -8.04 -22.13 -11.81
CA VAL D 6 -8.87 -22.85 -10.80
C VAL D 6 -8.08 -22.87 -9.49
N ILE D 7 -8.72 -22.45 -8.39
CA ILE D 7 -8.06 -22.38 -7.06
C ILE D 7 -8.55 -23.52 -6.18
N ASN D 8 -7.63 -24.34 -5.69
CA ASN D 8 -7.92 -25.43 -4.79
C ASN D 8 -7.47 -25.00 -3.39
N PHE D 9 -8.40 -24.92 -2.45
CA PHE D 9 -8.10 -24.43 -1.09
C PHE D 9 -7.01 -25.24 -0.39
N ASN D 10 -7.07 -26.57 -0.46
CA ASN D 10 -6.03 -27.43 0.15
CA ASN D 10 -6.03 -27.44 0.15
C ASN D 10 -4.65 -27.14 -0.42
N ASP D 11 -4.57 -26.98 -1.76
CA ASP D 11 -3.29 -26.72 -2.41
CA ASP D 11 -3.29 -26.67 -2.46
C ASP D 11 -2.69 -25.38 -1.91
N LYS D 12 -3.53 -24.36 -1.78
CA LYS D 12 -3.09 -23.04 -1.27
C LYS D 12 -2.70 -23.08 0.20
N PHE D 13 -3.49 -23.77 1.03
CA PHE D 13 -3.14 -23.95 2.45
C PHE D 13 -1.81 -24.69 2.65
N SER D 14 -1.47 -25.63 1.76
CA SER D 14 -0.19 -26.35 1.89
C SER D 14 1.06 -25.50 1.54
N LEU D 15 0.89 -24.36 0.85
CA LEU D 15 2.02 -23.47 0.51
C LEU D 15 2.63 -22.70 1.69
N PHE D 16 1.96 -22.65 2.84
CA PHE D 16 2.48 -21.91 3.98
C PHE D 16 2.07 -22.50 5.33
N ASN D 17 2.93 -22.32 6.32
CA ASN D 17 2.66 -22.72 7.70
C ASN D 17 2.59 -21.54 8.67
N GLN D 18 3.00 -20.34 8.24
CA GLN D 18 2.99 -19.15 9.09
C GLN D 18 1.57 -18.78 9.48
N HIS D 19 1.39 -18.52 10.77
CA HIS D 19 0.09 -18.19 11.32
C HIS D 19 -0.17 -16.68 11.25
N TRP D 20 -1.46 -16.34 11.32
CA TRP D 20 -1.97 -14.93 11.33
C TRP D 20 -1.46 -14.02 10.19
N SER D 21 -1.17 -14.63 9.05
CA SER D 21 -0.57 -13.97 7.90
C SER D 21 -1.41 -14.33 6.70
N PRO D 22 -2.46 -13.54 6.43
CA PRO D 22 -3.36 -13.87 5.34
C PRO D 22 -2.71 -13.86 3.96
N ARG D 23 -3.00 -14.87 3.16
CA ARG D 23 -2.48 -15.00 1.80
C ARG D 23 -3.63 -14.78 0.83
N VAL D 24 -3.52 -13.76 -0.02
CA VAL D 24 -4.54 -13.46 -1.03
C VAL D 24 -4.55 -14.55 -2.10
N ILE D 25 -5.65 -15.29 -2.22
CA ILE D 25 -5.76 -16.35 -3.25
C ILE D 25 -6.59 -15.96 -4.47
N ALA D 26 -7.43 -14.93 -4.35
CA ALA D 26 -8.25 -14.49 -5.47
C ALA D 26 -8.73 -13.07 -5.26
N GLU D 27 -9.14 -12.46 -6.37
CA GLU D 27 -9.71 -11.13 -6.38
C GLU D 27 -11.01 -11.12 -7.16
N ASN D 29 -13.60 -8.11 -8.26
CA ASN D 29 -13.73 -6.64 -8.34
C ASN D 29 -12.66 -6.08 -7.36
N ASP D 30 -13.05 -5.22 -6.43
CA ASP D 30 -12.16 -4.64 -5.42
C ASP D 30 -12.12 -5.41 -4.09
N TYR D 31 -12.48 -6.69 -4.10
CA TYR D 31 -12.45 -7.56 -2.92
C TYR D 31 -11.35 -8.63 -3.07
N GLN D 32 -10.90 -9.13 -1.93
CA GLN D 32 -9.87 -10.19 -1.86
C GLN D 32 -10.37 -11.36 -1.03
N PHE D 33 -10.01 -12.57 -1.47
CA PHE D 33 -10.27 -13.82 -0.74
C PHE D 33 -8.90 -14.15 -0.18
N LYS D 34 -8.82 -14.34 1.13
CA LYS D 34 -7.55 -14.55 1.81
C LYS D 34 -7.62 -15.77 2.69
N LEU D 35 -6.58 -16.60 2.63
CA LEU D 35 -6.47 -17.79 3.47
C LEU D 35 -5.56 -17.48 4.63
N VAL D 36 -5.92 -17.98 5.81
CA VAL D 36 -5.12 -17.76 7.01
C VAL D 36 -5.11 -19.06 7.86
N LYS D 37 -3.97 -19.31 8.51
CA LYS D 37 -3.84 -20.37 9.51
C LYS D 37 -3.75 -19.61 10.84
N VAL D 38 -4.60 -19.97 11.81
CA VAL D 38 -4.65 -19.28 13.11
C VAL D 38 -4.61 -20.25 14.29
N GLU D 39 -3.97 -19.82 15.38
CA GLU D 39 -3.91 -20.61 16.62
C GLU D 39 -3.65 -19.63 17.77
N GLY D 40 -4.32 -19.83 18.90
CA GLY D 40 -4.23 -18.91 20.03
C GLY D 40 -5.19 -17.76 19.79
N GLU D 41 -4.93 -16.64 20.45
CA GLU D 41 -5.80 -15.46 20.39
C GLU D 41 -5.24 -14.32 19.57
N PHE D 42 -6.13 -13.56 18.95
CA PHE D 42 -5.78 -12.36 18.20
C PHE D 42 -5.90 -11.18 19.21
N VAL D 43 -6.28 -9.99 18.74
CA VAL D 43 -6.47 -8.80 19.55
C VAL D 43 -7.85 -8.25 19.24
N TRP D 44 -8.38 -7.44 20.15
CA TRP D 44 -9.65 -6.76 19.96
C TRP D 44 -9.44 -5.63 18.97
N HIS D 45 -10.24 -5.64 17.91
CA HIS D 45 -10.16 -4.65 16.86
C HIS D 45 -11.46 -4.59 16.10
N GLU D 46 -11.58 -3.60 15.23
CA GLU D 46 -12.77 -3.41 14.38
CA GLU D 46 -12.76 -3.45 14.36
C GLU D 46 -12.37 -2.91 12.98
N HIS D 47 -13.31 -3.02 12.04
CA HIS D 47 -13.16 -2.51 10.66
C HIS D 47 -14.31 -1.55 10.55
N ALA D 48 -14.01 -0.26 10.70
CA ALA D 48 -15.08 0.77 10.72
C ALA D 48 -15.92 0.92 9.48
N ASP D 49 -15.32 0.65 8.32
CA ASP D 49 -15.96 0.91 7.04
C ASP D 49 -16.36 -0.30 6.23
N THR D 50 -16.18 -1.52 6.75
CA THR D 50 -16.60 -2.72 6.01
C THR D 50 -17.00 -3.90 6.87
N ASP D 51 -17.99 -4.65 6.38
CA ASP D 51 -18.30 -5.95 6.95
C ASP D 51 -17.09 -6.86 6.60
N GLU D 52 -16.91 -7.93 7.36
CA GLU D 52 -15.83 -8.89 7.16
C GLU D 52 -16.40 -10.30 7.31
N VAL D 53 -16.10 -11.16 6.34
CA VAL D 53 -16.57 -12.53 6.33
C VAL D 53 -15.48 -13.50 6.77
N PHE D 54 -15.85 -14.43 7.66
CA PHE D 54 -15.01 -15.54 8.07
C PHE D 54 -15.69 -16.83 7.61
N ILE D 55 -14.94 -17.70 6.94
CA ILE D 55 -15.40 -19.02 6.56
C ILE D 55 -14.36 -19.97 7.14
N VAL D 56 -14.80 -20.92 7.97
CA VAL D 56 -13.90 -21.93 8.52
C VAL D 56 -13.87 -23.11 7.54
N GLU D 58 -11.25 -25.75 8.00
CA GLU D 58 -10.83 -26.87 8.82
C GLU D 58 -10.58 -26.38 10.25
N GLY D 59 -11.04 -27.18 11.22
CA GLY D 59 -10.90 -26.88 12.63
C GLY D 59 -12.07 -26.11 13.21
N THR D 60 -11.82 -25.55 14.39
CA THR D 60 -12.83 -24.80 15.14
C THR D 60 -12.30 -23.42 15.46
N LEU D 61 -13.10 -22.40 15.13
CA LEU D 61 -12.79 -21.02 15.40
C LEU D 61 -13.81 -20.45 16.39
N GLN D 62 -13.33 -19.66 17.34
CA GLN D 62 -14.18 -18.89 18.24
C GLN D 62 -13.95 -17.43 17.87
N ILE D 63 -15.00 -16.61 17.93
CA ILE D 63 -14.87 -15.16 17.74
C ILE D 63 -15.51 -14.54 18.98
N ALA D 64 -14.69 -13.83 19.75
CA ALA D 64 -15.17 -13.15 20.95
C ALA D 64 -15.72 -11.78 20.56
N PHE D 65 -16.86 -11.43 21.15
CA PHE D 65 -17.43 -10.09 21.04
C PHE D 65 -17.44 -9.54 22.45
N ARG D 66 -17.67 -8.25 22.59
CA ARG D 66 -17.68 -7.62 23.92
C ARG D 66 -18.78 -8.05 24.89
N ASP D 67 -19.86 -8.59 24.34
CA ASP D 67 -21.02 -9.06 25.11
C ASP D 67 -21.25 -10.58 25.07
N GLN D 68 -20.63 -11.29 24.13
CA GLN D 68 -20.85 -12.72 23.93
C GLN D 68 -19.78 -13.33 23.01
N ASN D 69 -19.84 -14.65 22.85
CA ASN D 69 -18.94 -15.40 21.96
C ASN D 69 -19.73 -16.30 21.01
N ILE D 70 -19.16 -16.53 19.84
CA ILE D 70 -19.69 -17.47 18.85
C ILE D 70 -18.58 -18.49 18.54
N THR D 71 -18.99 -19.66 18.04
CA THR D 71 -18.10 -20.73 17.62
C THR D 71 -18.47 -21.13 16.18
N LEU D 72 -17.48 -21.24 15.30
CA LEU D 72 -17.63 -21.68 13.92
C LEU D 72 -16.84 -22.97 13.70
N GLN D 73 -17.50 -23.96 13.10
CA GLN D 73 -16.88 -25.23 12.73
C GLN D 73 -16.62 -25.17 11.22
N ALA D 74 -15.94 -26.21 10.70
CA ALA D 74 -15.69 -26.36 9.27
C ALA D 74 -17.04 -26.35 8.55
N GLY D 75 -17.12 -25.66 7.43
CA GLY D 75 -18.38 -25.56 6.69
C GLY D 75 -19.37 -24.57 7.28
N GLU D 76 -18.86 -23.59 8.05
CA GLU D 76 -19.69 -22.52 8.61
C GLU D 76 -19.03 -21.16 8.39
N TYR D 78 -19.63 -16.59 9.10
CA TYR D 78 -20.20 -15.48 9.87
C TYR D 78 -19.76 -14.16 9.25
N VAL D 79 -20.66 -13.18 9.21
CA VAL D 79 -20.37 -11.84 8.72
C VAL D 79 -20.21 -10.91 9.93
N ILE D 80 -19.02 -10.33 10.11
CA ILE D 80 -18.79 -9.37 11.22
C ILE D 80 -19.31 -8.02 10.70
N PRO D 81 -20.41 -7.48 11.27
CA PRO D 81 -20.85 -6.17 10.74
C PRO D 81 -19.81 -5.07 11.00
N LYS D 82 -19.73 -4.09 10.10
CA LYS D 82 -18.75 -2.99 10.24
C LYS D 82 -18.87 -2.28 11.59
N GLY D 83 -17.71 -1.91 12.14
CA GLY D 83 -17.65 -1.23 13.41
C GLY D 83 -17.82 -2.09 14.65
N VAL D 84 -18.01 -3.40 14.51
CA VAL D 84 -18.23 -4.29 15.64
C VAL D 84 -16.86 -4.85 16.06
N GLU D 85 -16.45 -4.55 17.29
CA GLU D 85 -15.22 -5.11 17.87
C GLU D 85 -15.30 -6.61 18.03
N HIS D 86 -14.20 -7.27 17.71
CA HIS D 86 -14.13 -8.71 17.78
C HIS D 86 -12.70 -9.20 17.95
N LYS D 87 -12.57 -10.43 18.47
CA LYS D 87 -11.26 -11.07 18.70
C LYS D 87 -11.34 -12.56 18.33
N PRO D 88 -10.88 -12.92 17.11
CA PRO D 88 -10.85 -14.33 16.77
C PRO D 88 -9.83 -15.10 17.62
N ALA D 90 -8.48 -19.51 18.43
CA ALA D 90 -8.51 -20.93 18.08
C ALA D 90 -7.67 -21.72 19.10
N LYS D 91 -8.27 -22.72 19.73
CA LYS D 91 -7.57 -23.58 20.70
C LYS D 91 -6.48 -24.41 19.99
N GLU D 92 -6.80 -24.91 18.79
CA GLU D 92 -5.85 -25.68 17.96
C GLU D 92 -5.76 -24.96 16.63
N GLU D 93 -4.83 -25.36 15.77
CA GLU D 93 -4.68 -24.73 14.45
C GLU D 93 -6.01 -24.77 13.71
N CYS D 94 -6.37 -23.64 13.12
CA CYS D 94 -7.63 -23.52 12.38
C CYS D 94 -7.34 -22.88 11.01
N LYS D 95 -7.93 -23.43 9.96
CA LYS D 95 -7.76 -22.96 8.59
C LYS D 95 -9.00 -22.17 8.22
N ILE D 96 -8.80 -20.89 7.92
CA ILE D 96 -9.89 -19.98 7.58
C ILE D 96 -9.68 -19.24 6.28
N ILE D 98 -10.96 -15.42 4.75
CA ILE D 98 -11.51 -14.10 5.01
C ILE D 98 -11.77 -13.42 3.68
N ILE D 99 -12.93 -12.75 3.57
CA ILE D 99 -13.31 -12.03 2.37
C ILE D 99 -13.67 -10.61 2.81
N GLU D 100 -13.04 -9.64 2.16
CA GLU D 100 -13.25 -8.23 2.48
C GLU D 100 -12.62 -7.36 1.38
N PRO D 101 -12.99 -6.05 1.33
CA PRO D 101 -12.43 -5.16 0.31
C PRO D 101 -10.92 -5.06 0.41
N ARG D 102 -10.29 -4.76 -0.72
CA ARG D 102 -8.84 -4.56 -0.78
C ARG D 102 -8.54 -3.25 -0.04
N GLY E 1 -29.32 -14.32 20.33
CA GLY E 1 -27.83 -14.29 20.35
C GLY E 1 -27.23 -14.31 18.96
N GLN E 3 -24.86 -16.22 17.82
CA GLN E 3 -24.68 -17.60 17.35
C GLN E 3 -25.75 -18.00 16.33
N THR E 4 -26.98 -17.48 16.49
CA THR E 4 -28.08 -17.75 15.53
C THR E 4 -27.75 -17.30 14.10
N LYS E 5 -26.84 -16.31 13.95
CA LYS E 5 -26.37 -15.81 12.64
C LYS E 5 -25.12 -16.53 12.11
N VAL E 6 -24.68 -17.61 12.81
CA VAL E 6 -23.64 -18.51 12.28
C VAL E 6 -24.35 -19.36 11.24
N ILE E 7 -23.86 -19.33 10.00
CA ILE E 7 -24.45 -20.04 8.87
C ILE E 7 -23.71 -21.35 8.57
N ASN E 8 -24.43 -22.47 8.62
CA ASN E 8 -23.90 -23.80 8.31
C ASN E 8 -24.37 -24.13 6.89
N PHE E 9 -23.42 -24.31 5.96
CA PHE E 9 -23.76 -24.55 4.54
C PHE E 9 -24.63 -25.79 4.34
N ASN E 10 -24.27 -26.90 4.99
CA ASN E 10 -25.05 -28.15 4.90
CA ASN E 10 -25.06 -28.14 4.89
C ASN E 10 -26.50 -27.96 5.39
N ASP E 11 -26.67 -27.25 6.51
CA ASP E 11 -28.01 -26.93 7.06
CA ASP E 11 -28.01 -26.99 7.04
C ASP E 11 -28.81 -26.16 6.01
N LYS E 12 -28.19 -25.14 5.41
CA LYS E 12 -28.88 -24.31 4.40
C LYS E 12 -29.22 -25.07 3.12
N PHE E 13 -28.30 -25.91 2.65
CA PHE E 13 -28.59 -26.77 1.48
C PHE E 13 -29.75 -27.74 1.73
N SER E 14 -29.90 -28.21 2.97
CA SER E 14 -31.02 -29.13 3.29
C SER E 14 -32.42 -28.51 3.16
N LEU E 15 -32.52 -27.18 3.17
CA LEU E 15 -33.81 -26.49 3.10
C LEU E 15 -34.48 -26.41 1.73
N PHE E 16 -33.74 -26.68 0.65
CA PHE E 16 -34.32 -26.66 -0.72
C PHE E 16 -33.73 -27.76 -1.60
N ASN E 17 -34.54 -28.23 -2.54
CA ASN E 17 -34.14 -29.22 -3.55
C ASN E 17 -34.19 -28.69 -4.99
N GLN E 18 -34.79 -27.52 -5.19
CA GLN E 18 -34.92 -26.95 -6.52
C GLN E 18 -33.57 -26.56 -7.10
N HIS E 19 -33.44 -26.77 -8.41
CA HIS E 19 -32.24 -26.44 -9.13
C HIS E 19 -32.28 -25.07 -9.79
N TRP E 20 -31.08 -24.54 -10.02
CA TRP E 20 -30.85 -23.25 -10.69
C TRP E 20 -31.63 -22.08 -10.07
N SER E 21 -31.85 -22.14 -8.75
CA SER E 21 -32.66 -21.19 -8.00
C SER E 21 -31.83 -20.75 -6.78
N PRO E 22 -30.99 -19.70 -6.95
CA PRO E 22 -30.10 -19.30 -5.83
C PRO E 22 -30.84 -18.82 -4.56
N ARG E 23 -30.34 -19.25 -3.40
CA ARG E 23 -30.86 -18.86 -2.07
C ARG E 23 -29.84 -17.94 -1.42
N VAL E 24 -30.20 -16.68 -1.18
CA VAL E 24 -29.31 -15.76 -0.48
C VAL E 24 -29.18 -16.21 0.98
N ILE E 25 -27.95 -16.50 1.42
CA ILE E 25 -27.70 -16.91 2.83
C ILE E 25 -26.99 -15.87 3.68
N ALA E 26 -26.39 -14.87 3.04
CA ALA E 26 -25.65 -13.84 3.76
C ALA E 26 -25.39 -12.65 2.86
N GLU E 27 -25.19 -11.51 3.52
CA GLU E 27 -24.79 -10.27 2.88
C GLU E 27 -23.53 -9.70 3.52
N ASN E 29 -21.57 -6.10 2.99
CA ASN E 29 -21.68 -4.78 2.37
C ASN E 29 -22.81 -4.88 1.33
N ASP E 30 -22.52 -4.60 0.06
CA ASP E 30 -23.52 -4.64 -1.03
C ASP E 30 -23.39 -5.92 -1.89
N TYR E 31 -22.84 -6.99 -1.31
CA TYR E 31 -22.67 -8.30 -1.95
C TYR E 31 -23.54 -9.34 -1.24
N GLN E 32 -23.85 -10.39 -2.00
CA GLN E 32 -24.63 -11.53 -1.51
C GLN E 32 -23.90 -12.84 -1.73
N PHE E 33 -24.11 -13.76 -0.77
CA PHE E 33 -23.61 -15.12 -0.78
C PHE E 33 -24.85 -15.96 -1.07
N LYS E 34 -24.80 -16.74 -2.13
CA LYS E 34 -25.97 -17.49 -2.58
C LYS E 34 -25.66 -18.96 -2.76
N LEU E 35 -26.52 -19.83 -2.24
CA LEU E 35 -26.35 -21.27 -2.41
C LEU E 35 -27.20 -21.72 -3.59
N VAL E 36 -26.66 -22.62 -4.41
CA VAL E 36 -27.40 -23.14 -5.58
C VAL E 36 -27.14 -24.65 -5.74
N LYS E 37 -28.18 -25.38 -6.14
CA LYS E 37 -28.08 -26.80 -6.52
C LYS E 37 -28.26 -26.76 -8.03
N VAL E 38 -27.34 -27.39 -8.76
CA VAL E 38 -27.37 -27.37 -10.22
C VAL E 38 -27.14 -28.76 -10.81
N GLU E 39 -27.72 -28.97 -12.00
CA GLU E 39 -27.57 -30.24 -12.73
C GLU E 39 -27.98 -30.00 -14.18
N GLY E 40 -27.30 -30.67 -15.11
CA GLY E 40 -27.54 -30.42 -16.54
C GLY E 40 -26.84 -29.12 -16.91
N GLU E 41 -27.34 -28.44 -17.93
CA GLU E 41 -26.68 -27.27 -18.50
C GLU E 41 -27.45 -25.98 -18.25
N PHE E 42 -26.70 -24.89 -18.05
CA PHE E 42 -27.28 -23.56 -17.91
C PHE E 42 -27.29 -23.00 -19.37
N VAL E 43 -27.28 -21.68 -19.51
CA VAL E 43 -27.23 -21.00 -20.78
C VAL E 43 -25.94 -20.18 -20.86
N TRP E 44 -25.57 -19.84 -22.08
CA TRP E 44 -24.48 -18.93 -22.34
C TRP E 44 -24.93 -17.54 -21.92
N HIS E 45 -24.13 -16.89 -21.10
CA HIS E 45 -24.40 -15.53 -20.64
C HIS E 45 -23.14 -14.88 -20.06
N GLU E 46 -23.26 -13.60 -19.71
CA GLU E 46 -22.17 -12.86 -19.06
CA GLU E 46 -22.17 -12.83 -19.08
C GLU E 46 -22.72 -11.86 -18.06
N HIS E 47 -21.82 -11.33 -17.22
CA HIS E 47 -22.10 -10.27 -16.25
C HIS E 47 -21.19 -9.16 -16.73
N ALA E 48 -21.79 -8.19 -17.43
CA ALA E 48 -21.03 -7.09 -18.04
C ALA E 48 -20.31 -6.17 -17.06
N ASP E 49 -20.84 -6.01 -15.85
CA ASP E 49 -20.27 -5.04 -14.90
C ASP E 49 -19.65 -5.63 -13.63
N THR E 50 -19.55 -6.96 -13.50
CA THR E 50 -18.96 -7.53 -12.30
C THR E 50 -18.30 -8.88 -12.55
N ASP E 51 -17.25 -9.15 -11.77
CA ASP E 51 -16.66 -10.46 -11.70
C ASP E 51 -17.69 -11.27 -10.89
N GLU E 52 -17.67 -12.58 -11.10
CA GLU E 52 -18.52 -13.52 -10.39
C GLU E 52 -17.69 -14.69 -9.89
N VAL E 53 -17.94 -15.10 -8.66
CA VAL E 53 -17.20 -16.19 -8.01
C VAL E 53 -18.06 -17.43 -7.90
N PHE E 54 -17.47 -18.58 -8.27
CA PHE E 54 -18.05 -19.90 -8.09
C PHE E 54 -17.18 -20.66 -7.11
N ILE E 55 -17.77 -21.19 -6.03
CA ILE E 55 -17.11 -22.07 -5.06
C ILE E 55 -17.91 -23.38 -5.09
N VAL E 56 -17.25 -24.51 -5.38
CA VAL E 56 -17.95 -25.80 -5.38
C VAL E 56 -17.87 -26.41 -3.96
N GLU E 58 -19.94 -29.29 -3.09
CA GLU E 58 -20.04 -30.74 -3.26
C GLU E 58 -20.36 -31.06 -4.73
N GLY E 59 -19.75 -32.14 -5.23
CA GLY E 59 -19.94 -32.59 -6.62
C GLY E 59 -18.86 -32.05 -7.55
N THR E 60 -19.15 -32.05 -8.85
CA THR E 60 -18.20 -31.62 -9.87
C THR E 60 -18.92 -30.71 -10.87
N LEU E 61 -18.44 -29.48 -11.00
CA LEU E 61 -19.02 -28.48 -11.89
C LEU E 61 -18.08 -28.29 -13.05
N GLN E 62 -18.64 -28.04 -14.22
CA GLN E 62 -17.88 -27.63 -15.37
C GLN E 62 -18.39 -26.26 -15.77
N ILE E 63 -17.48 -25.44 -16.31
CA ILE E 63 -17.87 -24.15 -16.87
C ILE E 63 -17.27 -24.11 -18.27
N ALA E 64 -18.14 -23.94 -19.25
CA ALA E 64 -17.76 -23.83 -20.64
C ALA E 64 -17.44 -22.38 -20.96
N PHE E 65 -16.32 -22.18 -21.64
CA PHE E 65 -15.92 -20.89 -22.24
C PHE E 65 -15.84 -21.10 -23.75
N ARG E 66 -15.63 -20.00 -24.47
CA ARG E 66 -15.62 -20.03 -25.93
CA ARG E 66 -15.56 -19.98 -25.93
C ARG E 66 -14.62 -21.05 -26.52
N ASP E 67 -13.44 -21.19 -25.93
CA ASP E 67 -12.45 -22.15 -26.45
C ASP E 67 -12.04 -23.30 -25.54
N GLN E 68 -12.60 -23.37 -24.34
CA GLN E 68 -12.23 -24.42 -23.38
C GLN E 68 -13.27 -24.58 -22.28
N ASN E 69 -13.26 -25.76 -21.65
CA ASN E 69 -14.09 -26.07 -20.50
C ASN E 69 -13.15 -26.19 -19.31
N ILE E 70 -13.56 -25.70 -18.15
CA ILE E 70 -12.81 -25.90 -16.92
C ILE E 70 -13.66 -26.81 -16.04
N THR E 71 -13.01 -27.54 -15.13
CA THR E 71 -13.66 -28.45 -14.18
C THR E 71 -13.31 -28.00 -12.76
N LEU E 72 -14.34 -27.88 -11.90
CA LEU E 72 -14.17 -27.52 -10.50
C LEU E 72 -14.72 -28.63 -9.63
N GLN E 73 -13.93 -29.06 -8.64
CA GLN E 73 -14.30 -30.08 -7.67
C GLN E 73 -14.62 -29.40 -6.35
N ALA E 74 -15.15 -30.18 -5.40
CA ALA E 74 -15.44 -29.71 -4.04
C ALA E 74 -14.16 -29.11 -3.45
N GLY E 75 -14.26 -27.94 -2.82
CA GLY E 75 -13.08 -27.27 -2.27
C GLY E 75 -12.24 -26.53 -3.29
N GLU E 76 -12.89 -26.10 -4.39
CA GLU E 76 -12.24 -25.34 -5.44
C GLU E 76 -13.12 -24.18 -5.83
N TYR E 78 -13.38 -20.44 -8.62
CA TYR E 78 -13.01 -19.76 -9.83
C TYR E 78 -13.65 -18.39 -9.88
N VAL E 79 -12.92 -17.39 -10.41
CA VAL E 79 -13.46 -16.05 -10.63
C VAL E 79 -13.71 -15.87 -12.12
N ILE E 80 -14.97 -15.67 -12.50
CA ILE E 80 -15.35 -15.41 -13.88
C ILE E 80 -15.13 -13.91 -14.06
N PRO E 81 -14.11 -13.47 -14.88
CA PRO E 81 -13.95 -12.01 -15.01
C PRO E 81 -15.16 -11.36 -15.72
N LYS E 82 -15.45 -10.10 -15.40
CA LYS E 82 -16.56 -9.37 -15.98
C LYS E 82 -16.49 -9.37 -17.50
N GLY E 83 -17.63 -9.53 -18.16
CA GLY E 83 -17.73 -9.55 -19.60
C GLY E 83 -17.42 -10.89 -20.27
N VAL E 84 -16.95 -11.89 -19.53
CA VAL E 84 -16.58 -13.17 -20.11
C VAL E 84 -17.80 -14.07 -20.17
N GLU E 85 -18.13 -14.49 -21.40
CA GLU E 85 -19.23 -15.41 -21.66
C GLU E 85 -18.91 -16.77 -21.13
N HIS E 86 -19.87 -17.40 -20.48
CA HIS E 86 -19.69 -18.74 -19.93
C HIS E 86 -21.01 -19.48 -19.75
N LYS E 87 -20.92 -20.80 -19.64
CA LYS E 87 -22.05 -21.68 -19.44
C LYS E 87 -21.72 -22.74 -18.40
N PRO E 88 -22.18 -22.55 -17.14
CA PRO E 88 -22.02 -23.60 -16.13
C PRO E 88 -22.80 -24.86 -16.45
N ALA E 90 -23.30 -29.31 -14.98
CA ALA E 90 -22.99 -30.40 -14.02
C ALA E 90 -23.61 -31.72 -14.51
N LYS E 91 -22.80 -32.77 -14.63
CA LYS E 91 -23.26 -34.10 -15.05
C LYS E 91 -24.26 -34.69 -14.05
N GLU E 92 -23.98 -34.53 -12.76
CA GLU E 92 -24.85 -34.96 -11.65
C GLU E 92 -25.07 -33.73 -10.76
N GLU E 93 -25.97 -33.84 -9.77
CA GLU E 93 -26.25 -32.72 -8.88
C GLU E 93 -24.94 -32.21 -8.26
N CYS E 94 -24.79 -30.87 -8.28
CA CYS E 94 -23.62 -30.19 -7.75
C CYS E 94 -24.10 -29.05 -6.84
N LYS E 95 -23.50 -28.96 -5.66
CA LYS E 95 -23.84 -27.94 -4.67
C LYS E 95 -22.77 -26.84 -4.74
N ILE E 96 -23.21 -25.62 -5.08
CA ILE E 96 -22.31 -24.48 -5.24
C ILE E 96 -22.70 -23.26 -4.43
N ILE E 98 -22.35 -19.00 -4.91
CA ILE E 98 -22.06 -17.87 -5.76
C ILE E 98 -21.95 -16.62 -4.90
N ILE E 99 -20.99 -15.76 -5.23
CA ILE E 99 -20.76 -14.50 -4.55
C ILE E 99 -20.70 -13.42 -5.61
N GLU E 100 -21.55 -12.41 -5.48
CA GLU E 100 -21.64 -11.32 -6.41
C GLU E 100 -22.36 -10.11 -5.80
N PRO E 101 -22.23 -8.93 -6.43
CA PRO E 101 -22.98 -7.76 -5.98
C PRO E 101 -24.49 -7.89 -6.06
N ARG E 102 -25.20 -7.24 -5.12
CA ARG E 102 -26.65 -7.03 -5.19
C ARG E 102 -26.98 -6.10 -6.35
#